data_7YSY
#
_entry.id   7YSY
#
_cell.length_a   51.166
_cell.length_b   76.342
_cell.length_c   80.023
_cell.angle_alpha   90.000
_cell.angle_beta   91.800
_cell.angle_gamma   90.000
#
_symmetry.space_group_name_H-M   'P 1 21 1'
#
loop_
_entity.id
_entity.type
_entity.pdbx_description
1 polymer 'UDP-glucose 4-epimerase'
2 non-polymer NICOTINAMIDE-ADENINE-DINUCLEOTIDE
3 non-polymer URIDINE-DIPHOSPHATE-N-ACETYLGALACTOSAMINE
4 non-polymer 1,2-ETHANEDIOL
5 water water
#
_entity_poly.entity_id   1
_entity_poly.type   'polypeptide(L)'
_entity_poly.pdbx_seq_one_letter_code
;MRALVTGAAGFIGSTLVDRLLADGHSVVGLDNFATGRATNLEHLADNSAHVFVEADIVTADLHAILEQHRPEVVFHLAAQ
IDVRRSVADPQFDAAVNVIGTVRLAEAARQTGVRKIVHTSSGGSIYGTPPEYPTPETAPTDPASPYAAGKVAGEIYLNTF
RHLYGLDCSHIAPANVYGPRQDPHGEAGVVAIFAQALLSGKPTRVFGDGTNTRDYVFVDDVVDAFVRVSADVGGGLRFNI
GTGKETSDRQLHSAVAAAVGGPDDPEFHPPRLGDLKRSCLDIGLAERVLGWRPQIELADGVRRTVEYFRHKHTDHHHHHH
;
_entity_poly.pdbx_strand_id   A,B
#
# COMPACT_ATOMS: atom_id res chain seq x y z
N MET A 1 29.20 -12.08 1.93
CA MET A 1 27.93 -12.19 1.14
C MET A 1 28.01 -11.30 -0.10
N ARG A 2 27.16 -11.62 -1.10
CA ARG A 2 26.93 -10.74 -2.23
C ARG A 2 25.73 -9.85 -1.89
N ALA A 3 26.00 -8.55 -1.76
CA ALA A 3 24.98 -7.58 -1.39
C ALA A 3 24.65 -6.68 -2.58
N LEU A 4 23.37 -6.25 -2.65
CA LEU A 4 23.00 -5.15 -3.51
C LEU A 4 22.29 -4.08 -2.67
N VAL A 5 22.74 -2.83 -2.83
CA VAL A 5 22.17 -1.71 -2.11
C VAL A 5 21.53 -0.77 -3.12
N THR A 6 20.19 -0.65 -3.08
CA THR A 6 19.51 0.39 -3.85
C THR A 6 19.57 1.68 -3.04
N GLY A 7 19.61 2.83 -3.74
CA GLY A 7 19.77 4.12 -3.09
C GLY A 7 21.20 4.32 -2.56
N ALA A 8 22.15 3.61 -3.18
CA ALA A 8 23.54 3.51 -2.73
C ALA A 8 24.26 4.86 -2.81
N ALA A 9 23.82 5.73 -3.72
CA ALA A 9 24.46 7.03 -3.87
C ALA A 9 23.91 8.03 -2.86
N GLY A 10 23.02 7.57 -1.98
CA GLY A 10 22.41 8.42 -0.96
C GLY A 10 23.20 8.44 0.35
N PHE A 11 22.66 9.17 1.32
CA PHE A 11 23.25 9.41 2.64
C PHE A 11 23.45 8.08 3.39
N ILE A 12 22.34 7.42 3.74
CA ILE A 12 22.43 6.17 4.48
C ILE A 12 23.04 5.09 3.59
N GLY A 13 22.62 5.05 2.32
CA GLY A 13 23.02 4.02 1.38
C GLY A 13 24.54 3.95 1.15
N SER A 14 25.17 5.11 0.95
CA SER A 14 26.61 5.13 0.70
C SER A 14 27.35 4.70 1.96
N THR A 15 26.79 5.06 3.13
CA THR A 15 27.36 4.65 4.40
C THR A 15 27.27 3.14 4.60
N LEU A 16 26.13 2.55 4.22
CA LEU A 16 25.92 1.11 4.32
C LEU A 16 26.93 0.40 3.41
N VAL A 17 27.05 0.87 2.15
CA VAL A 17 28.00 0.31 1.20
C VAL A 17 29.37 0.22 1.86
N ASP A 18 29.82 1.34 2.46
CA ASP A 18 31.11 1.41 3.12
C ASP A 18 31.23 0.31 4.17
N ARG A 19 30.18 0.15 4.99
CA ARG A 19 30.23 -0.78 6.10
C ARG A 19 30.28 -2.21 5.56
N LEU A 20 29.46 -2.49 4.54
CA LEU A 20 29.42 -3.82 3.97
C LEU A 20 30.79 -4.17 3.36
N LEU A 21 31.39 -3.22 2.64
CA LEU A 21 32.72 -3.41 2.07
C LEU A 21 33.75 -3.72 3.16
N ALA A 22 33.70 -2.94 4.24
CA ALA A 22 34.64 -3.03 5.35
C ALA A 22 34.54 -4.40 6.02
N ASP A 23 33.33 -4.98 5.99
CA ASP A 23 33.07 -6.28 6.58
C ASP A 23 33.46 -7.39 5.59
N GLY A 24 33.83 -7.00 4.37
CA GLY A 24 34.44 -7.94 3.43
C GLY A 24 33.47 -8.52 2.41
N HIS A 25 32.31 -7.87 2.23
CA HIS A 25 31.32 -8.31 1.25
C HIS A 25 31.62 -7.66 -0.09
N SER A 26 31.07 -8.24 -1.17
CA SER A 26 30.99 -7.55 -2.44
C SER A 26 29.65 -6.82 -2.47
N VAL A 27 29.66 -5.60 -3.01
N VAL A 27 29.64 -5.61 -3.04
CA VAL A 27 28.47 -4.75 -3.01
CA VAL A 27 28.46 -4.77 -3.00
C VAL A 27 28.24 -4.22 -4.42
C VAL A 27 28.21 -4.18 -4.38
N VAL A 28 26.99 -4.37 -4.89
CA VAL A 28 26.50 -3.66 -6.05
C VAL A 28 25.68 -2.49 -5.54
N GLY A 29 26.10 -1.27 -5.90
CA GLY A 29 25.33 -0.07 -5.62
C GLY A 29 24.41 0.25 -6.80
N LEU A 30 23.16 0.63 -6.51
CA LEU A 30 22.20 1.01 -7.54
C LEU A 30 21.52 2.33 -7.13
N ASP A 31 21.39 3.23 -8.11
CA ASP A 31 20.86 4.56 -7.87
C ASP A 31 20.59 5.23 -9.21
N ASN A 32 19.70 6.23 -9.21
CA ASN A 32 19.39 7.01 -10.40
C ASN A 32 19.74 8.49 -10.18
N PHE A 33 20.28 8.81 -9.01
CA PHE A 33 20.72 10.15 -8.65
C PHE A 33 19.55 11.15 -8.54
N ALA A 34 18.33 10.65 -8.30
CA ALA A 34 17.22 11.55 -8.00
C ALA A 34 17.59 12.50 -6.87
N THR A 35 18.06 11.95 -5.74
CA THR A 35 18.54 12.78 -4.64
C THR A 35 19.96 12.40 -4.25
N GLY A 36 20.47 11.29 -4.79
CA GLY A 36 21.82 10.83 -4.49
C GLY A 36 22.88 11.72 -5.16
N ARG A 37 24.13 11.59 -4.69
CA ARG A 37 25.25 12.35 -5.22
C ARG A 37 26.43 11.43 -5.49
N ALA A 38 26.95 11.47 -6.72
CA ALA A 38 28.13 10.72 -7.12
C ALA A 38 29.28 10.97 -6.13
N THR A 39 29.32 12.18 -5.55
CA THR A 39 30.36 12.56 -4.62
C THR A 39 30.36 11.67 -3.37
N ASN A 40 29.20 11.05 -3.08
CA ASN A 40 29.04 10.16 -1.95
C ASN A 40 29.78 8.84 -2.18
N LEU A 41 30.12 8.57 -3.45
CA LEU A 41 30.66 7.28 -3.84
C LEU A 41 32.03 7.40 -4.52
N GLU A 42 32.54 8.63 -4.66
CA GLU A 42 33.71 8.84 -5.51
C GLU A 42 34.96 8.22 -4.90
N HIS A 43 34.95 8.01 -3.57
CA HIS A 43 36.07 7.42 -2.86
C HIS A 43 36.20 5.94 -3.21
N LEU A 44 35.23 5.40 -3.97
CA LEU A 44 35.16 3.97 -4.24
C LEU A 44 35.63 3.68 -5.66
N ALA A 45 36.06 4.72 -6.37
CA ALA A 45 36.48 4.64 -7.76
C ALA A 45 37.41 3.44 -7.99
N ASP A 46 38.41 3.26 -7.12
CA ASP A 46 39.37 2.17 -7.27
C ASP A 46 39.12 1.05 -6.26
N ASN A 47 37.89 0.98 -5.70
CA ASN A 47 37.57 -0.06 -4.72
C ASN A 47 37.14 -1.35 -5.41
N SER A 48 37.89 -2.41 -5.14
CA SER A 48 37.86 -3.62 -5.94
C SER A 48 36.53 -4.36 -5.79
N ALA A 49 35.84 -4.18 -4.65
CA ALA A 49 34.71 -5.02 -4.29
C ALA A 49 33.37 -4.30 -4.53
N HIS A 50 33.43 -3.11 -5.12
CA HIS A 50 32.23 -2.33 -5.41
C HIS A 50 32.02 -2.19 -6.91
N VAL A 51 30.76 -2.29 -7.35
CA VAL A 51 30.36 -1.95 -8.71
C VAL A 51 29.03 -1.20 -8.64
N PHE A 52 28.92 -0.13 -9.43
CA PHE A 52 27.77 0.74 -9.42
C PHE A 52 26.91 0.51 -10.66
N VAL A 53 25.58 0.58 -10.49
CA VAL A 53 24.63 0.46 -11.58
C VAL A 53 23.69 1.67 -11.51
N GLU A 54 23.70 2.48 -12.56
CA GLU A 54 22.79 3.61 -12.68
C GLU A 54 21.49 3.10 -13.27
N ALA A 55 20.42 3.10 -12.46
CA ALA A 55 19.13 2.55 -12.87
C ALA A 55 18.00 3.14 -12.02
N ASP A 56 16.80 3.21 -12.62
CA ASP A 56 15.60 3.70 -11.97
C ASP A 56 14.77 2.49 -11.55
N ILE A 57 14.54 2.33 -10.24
CA ILE A 57 13.85 1.15 -9.74
C ILE A 57 12.44 1.08 -10.32
N VAL A 58 11.90 2.23 -10.73
CA VAL A 58 10.52 2.27 -11.21
C VAL A 58 10.44 1.71 -12.63
N THR A 59 11.54 1.79 -13.41
CA THR A 59 11.44 1.51 -14.85
C THR A 59 12.57 0.62 -15.39
N ALA A 60 13.66 0.42 -14.64
CA ALA A 60 14.77 -0.38 -15.14
C ALA A 60 14.38 -1.85 -15.17
N ASP A 61 15.18 -2.65 -15.90
CA ASP A 61 15.04 -4.09 -15.94
C ASP A 61 15.76 -4.69 -14.72
N LEU A 62 15.05 -4.74 -13.58
CA LEU A 62 15.65 -5.17 -12.33
C LEU A 62 15.91 -6.68 -12.37
N HIS A 63 15.12 -7.39 -13.19
CA HIS A 63 15.31 -8.82 -13.36
C HIS A 63 16.70 -9.09 -13.92
N ALA A 64 17.08 -8.35 -14.97
CA ALA A 64 18.35 -8.58 -15.63
C ALA A 64 19.49 -8.23 -14.69
N ILE A 65 19.32 -7.12 -13.96
CA ILE A 65 20.33 -6.65 -13.04
C ILE A 65 20.58 -7.71 -11.97
N LEU A 66 19.51 -8.27 -11.40
CA LEU A 66 19.61 -9.23 -10.31
CA LEU A 66 19.63 -9.22 -10.30
C LEU A 66 20.10 -10.58 -10.83
N GLU A 67 19.70 -10.92 -12.06
CA GLU A 67 20.10 -12.16 -12.69
C GLU A 67 21.61 -12.17 -12.88
N GLN A 68 22.17 -10.98 -13.18
CA GLN A 68 23.58 -10.82 -13.48
C GLN A 68 24.42 -10.89 -12.20
N HIS A 69 23.98 -10.17 -11.15
CA HIS A 69 24.81 -9.97 -9.96
C HIS A 69 24.48 -11.00 -8.87
N ARG A 70 23.29 -11.61 -8.95
CA ARG A 70 22.85 -12.65 -8.01
C ARG A 70 23.15 -12.25 -6.56
N PRO A 71 22.67 -11.08 -6.06
CA PRO A 71 22.87 -10.73 -4.66
C PRO A 71 22.09 -11.69 -3.76
N GLU A 72 22.68 -12.02 -2.62
CA GLU A 72 22.00 -12.82 -1.60
C GLU A 72 21.02 -11.92 -0.84
N VAL A 73 21.45 -10.68 -0.56
CA VAL A 73 20.61 -9.74 0.17
C VAL A 73 20.49 -8.45 -0.63
N VAL A 74 19.27 -7.94 -0.74
CA VAL A 74 19.05 -6.60 -1.26
C VAL A 74 18.72 -5.68 -0.09
N PHE A 75 19.54 -4.66 0.11
CA PHE A 75 19.26 -3.58 1.05
C PHE A 75 18.55 -2.48 0.27
N HIS A 76 17.27 -2.25 0.58
CA HIS A 76 16.42 -1.41 -0.25
C HIS A 76 16.23 -0.04 0.39
N LEU A 77 17.04 0.92 -0.04
CA LEU A 77 17.02 2.25 0.55
C LEU A 77 16.63 3.30 -0.49
N ALA A 78 16.39 2.87 -1.74
CA ALA A 78 15.96 3.81 -2.76
C ALA A 78 14.52 4.20 -2.51
N ALA A 79 14.27 5.52 -2.44
CA ALA A 79 12.94 6.05 -2.19
C ALA A 79 12.93 7.57 -2.41
N GLN A 80 11.73 8.09 -2.71
CA GLN A 80 11.41 9.50 -2.54
C GLN A 80 11.31 9.77 -1.03
N ILE A 81 12.15 10.68 -0.52
CA ILE A 81 12.39 10.72 0.92
C ILE A 81 11.73 11.93 1.59
N ASP A 82 11.22 12.89 0.80
CA ASP A 82 10.73 14.13 1.38
C ASP A 82 9.22 14.08 1.59
N VAL A 83 8.80 14.21 2.86
CA VAL A 83 7.40 14.18 3.24
C VAL A 83 6.63 15.25 2.46
N ARG A 84 7.17 16.48 2.44
CA ARG A 84 6.48 17.61 1.82
C ARG A 84 6.29 17.39 0.32
N ARG A 85 7.30 16.81 -0.35
CA ARG A 85 7.20 16.49 -1.77
C ARG A 85 6.15 15.42 -1.99
N SER A 86 6.01 14.50 -1.02
CA SER A 86 5.03 13.44 -1.13
C SER A 86 3.61 14.01 -1.08
N VAL A 87 3.47 15.14 -0.38
CA VAL A 87 2.19 15.84 -0.27
C VAL A 87 1.92 16.56 -1.59
N ALA A 88 2.93 17.22 -2.14
CA ALA A 88 2.80 18.00 -3.37
C ALA A 88 2.53 17.09 -4.57
N ASP A 89 3.15 15.89 -4.55
CA ASP A 89 3.02 14.94 -5.65
C ASP A 89 2.89 13.53 -5.09
N PRO A 90 1.72 13.15 -4.55
CA PRO A 90 1.54 11.82 -3.97
C PRO A 90 1.72 10.67 -4.98
N GLN A 91 1.46 10.96 -6.26
CA GLN A 91 1.57 9.95 -7.30
C GLN A 91 3.03 9.54 -7.50
N PHE A 92 3.91 10.53 -7.70
CA PHE A 92 5.34 10.29 -7.86
C PHE A 92 5.88 9.50 -6.67
N ASP A 93 5.48 9.91 -5.47
CA ASP A 93 5.98 9.28 -4.24
C ASP A 93 5.57 7.81 -4.22
N ALA A 94 4.30 7.54 -4.57
CA ALA A 94 3.77 6.19 -4.60
C ALA A 94 4.47 5.35 -5.67
N ALA A 95 4.79 5.98 -6.80
CA ALA A 95 5.40 5.29 -7.91
C ALA A 95 6.76 4.74 -7.49
N VAL A 96 7.52 5.56 -6.75
CA VAL A 96 8.88 5.23 -6.37
C VAL A 96 8.89 4.28 -5.18
N ASN A 97 8.06 4.56 -4.18
CA ASN A 97 8.10 3.86 -2.90
C ASN A 97 7.24 2.60 -2.91
N VAL A 98 6.14 2.61 -3.68
CA VAL A 98 5.32 1.41 -3.77
C VAL A 98 5.68 0.63 -5.03
N ILE A 99 5.55 1.25 -6.21
CA ILE A 99 5.75 0.51 -7.45
C ILE A 99 7.21 0.02 -7.54
N GLY A 100 8.16 0.89 -7.17
CA GLY A 100 9.57 0.53 -7.18
C GLY A 100 9.86 -0.70 -6.33
N THR A 101 9.26 -0.73 -5.13
CA THR A 101 9.42 -1.84 -4.19
C THR A 101 8.83 -3.12 -4.76
N VAL A 102 7.66 -3.02 -5.40
CA VAL A 102 6.97 -4.16 -5.99
C VAL A 102 7.81 -4.78 -7.11
N ARG A 103 8.28 -3.93 -8.03
CA ARG A 103 9.12 -4.38 -9.15
C ARG A 103 10.37 -5.06 -8.61
N LEU A 104 10.95 -4.51 -7.53
CA LEU A 104 12.16 -5.06 -6.93
C LEU A 104 11.90 -6.47 -6.39
N ALA A 105 10.83 -6.63 -5.61
CA ALA A 105 10.45 -7.92 -5.04
C ALA A 105 10.17 -8.92 -6.16
N GLU A 106 9.50 -8.45 -7.22
CA GLU A 106 9.07 -9.34 -8.29
C GLU A 106 10.31 -9.85 -9.04
N ALA A 107 11.31 -8.98 -9.19
CA ALA A 107 12.58 -9.39 -9.77
C ALA A 107 13.34 -10.29 -8.79
N ALA A 108 13.27 -9.99 -7.49
CA ALA A 108 14.06 -10.69 -6.50
C ALA A 108 13.57 -12.13 -6.35
N ARG A 109 12.24 -12.32 -6.37
CA ARG A 109 11.64 -13.63 -6.19
C ARG A 109 12.04 -14.57 -7.33
N GLN A 110 12.39 -14.00 -8.49
N GLN A 110 12.40 -14.01 -8.49
CA GLN A 110 12.69 -14.76 -9.69
CA GLN A 110 12.69 -14.79 -9.67
C GLN A 110 14.19 -14.93 -9.91
C GLN A 110 14.19 -15.13 -9.77
N THR A 111 15.02 -14.44 -8.97
CA THR A 111 16.46 -14.48 -9.17
C THR A 111 17.22 -15.04 -7.97
N GLY A 112 16.53 -15.81 -7.12
CA GLY A 112 17.14 -16.56 -6.03
C GLY A 112 17.70 -15.68 -4.91
N VAL A 113 17.26 -14.43 -4.84
CA VAL A 113 17.59 -13.52 -3.74
C VAL A 113 17.03 -14.14 -2.45
N ARG A 114 17.82 -14.12 -1.36
CA ARG A 114 17.38 -14.75 -0.12
C ARG A 114 16.47 -13.82 0.68
N LYS A 115 16.86 -12.55 0.78
CA LYS A 115 16.17 -11.62 1.67
C LYS A 115 16.28 -10.19 1.14
N ILE A 116 15.17 -9.46 1.27
CA ILE A 116 15.18 -8.03 1.08
C ILE A 116 15.06 -7.37 2.45
N VAL A 117 16.03 -6.51 2.78
CA VAL A 117 15.93 -5.64 3.93
C VAL A 117 15.36 -4.30 3.46
N HIS A 118 14.09 -4.07 3.81
CA HIS A 118 13.36 -2.88 3.40
C HIS A 118 13.61 -1.75 4.39
N THR A 119 13.62 -0.52 3.87
CA THR A 119 13.63 0.64 4.75
C THR A 119 12.23 1.25 4.78
N SER A 120 11.58 1.09 5.93
CA SER A 120 10.33 1.74 6.25
C SER A 120 10.65 3.08 6.93
N SER A 121 9.68 3.66 7.62
CA SER A 121 9.89 4.94 8.28
C SER A 121 9.31 4.90 9.70
N GLY A 122 10.18 4.66 10.69
CA GLY A 122 9.76 4.60 12.08
C GLY A 122 9.19 5.93 12.55
N GLY A 123 9.74 7.02 11.99
CA GLY A 123 9.37 8.36 12.38
C GLY A 123 7.92 8.71 12.02
N SER A 124 7.39 8.11 10.94
CA SER A 124 6.18 8.63 10.34
C SER A 124 5.05 7.62 10.21
N ILE A 125 5.36 6.32 10.14
CA ILE A 125 4.32 5.34 9.82
C ILE A 125 3.24 5.27 10.90
N TYR A 126 3.59 5.63 12.14
CA TYR A 126 2.66 5.47 13.25
C TYR A 126 1.68 6.64 13.31
N GLY A 127 1.91 7.67 12.49
CA GLY A 127 1.24 8.95 12.63
C GLY A 127 1.39 9.49 14.04
N THR A 128 0.28 9.98 14.61
CA THR A 128 0.16 10.31 16.02
C THR A 128 -0.19 9.01 16.76
N PRO A 129 0.75 8.39 17.51
CA PRO A 129 0.51 7.07 18.10
C PRO A 129 -0.16 7.13 19.47
N PRO A 130 -0.70 6.00 19.97
CA PRO A 130 -1.27 5.95 21.32
C PRO A 130 -0.30 6.30 22.45
N GLU A 131 1.01 6.03 22.26
CA GLU A 131 1.98 6.33 23.29
C GLU A 131 3.38 6.57 22.71
N TYR A 132 4.20 7.28 23.49
CA TYR A 132 5.60 7.54 23.22
C TYR A 132 6.41 7.07 24.43
N PRO A 133 7.54 6.34 24.28
CA PRO A 133 8.05 5.90 22.98
C PRO A 133 7.15 4.81 22.38
N THR A 134 7.13 4.73 21.05
CA THR A 134 6.17 3.91 20.30
C THR A 134 6.77 2.54 19.96
N PRO A 135 6.09 1.42 20.34
CA PRO A 135 6.53 0.08 19.95
C PRO A 135 5.98 -0.31 18.58
N GLU A 136 6.60 -1.34 17.97
CA GLU A 136 6.22 -1.83 16.66
C GLU A 136 4.80 -2.43 16.71
N THR A 137 4.30 -2.71 17.92
CA THR A 137 2.97 -3.28 18.09
C THR A 137 1.89 -2.21 17.94
N ALA A 138 2.28 -0.93 18.07
CA ALA A 138 1.36 0.17 17.79
C ALA A 138 0.84 0.08 16.35
N PRO A 139 -0.43 0.40 16.10
CA PRO A 139 -0.97 0.32 14.73
C PRO A 139 -0.32 1.44 13.91
N THR A 140 -0.12 1.18 12.61
CA THR A 140 0.32 2.23 11.72
C THR A 140 -0.86 3.16 11.47
N ASP A 141 -0.58 4.44 11.27
CA ASP A 141 -1.63 5.42 10.99
C ASP A 141 -1.02 6.58 10.22
N PRO A 142 -0.52 6.35 8.98
CA PRO A 142 0.17 7.39 8.21
C PRO A 142 -0.67 8.66 8.02
N ALA A 143 0.00 9.82 8.08
CA ALA A 143 -0.67 11.10 7.88
C ALA A 143 0.05 11.91 6.80
N SER A 144 0.91 11.26 6.03
CA SER A 144 1.45 11.82 4.79
C SER A 144 1.54 10.71 3.74
N PRO A 145 1.47 11.04 2.42
CA PRO A 145 1.64 10.03 1.37
C PRO A 145 2.95 9.26 1.49
N TYR A 146 4.00 9.93 1.94
CA TYR A 146 5.29 9.28 2.19
C TYR A 146 5.08 8.12 3.17
N ALA A 147 4.44 8.43 4.30
CA ALA A 147 4.24 7.47 5.37
C ALA A 147 3.42 6.29 4.85
N ALA A 148 2.38 6.59 4.06
CA ALA A 148 1.47 5.59 3.54
C ALA A 148 2.20 4.61 2.61
N GLY A 149 3.08 5.13 1.74
CA GLY A 149 3.84 4.31 0.81
C GLY A 149 4.81 3.37 1.52
N LYS A 150 5.40 3.84 2.64
CA LYS A 150 6.32 3.03 3.42
C LYS A 150 5.59 1.82 4.02
N VAL A 151 4.40 2.07 4.62
CA VAL A 151 3.52 1.01 5.11
C VAL A 151 3.15 0.05 3.99
N ALA A 152 2.68 0.59 2.84
CA ALA A 152 2.34 -0.23 1.69
C ALA A 152 3.51 -1.13 1.30
N GLY A 153 4.73 -0.57 1.36
CA GLY A 153 5.94 -1.28 0.99
C GLY A 153 6.16 -2.52 1.85
N GLU A 154 6.00 -2.37 3.18
CA GLU A 154 6.08 -3.44 4.16
C GLU A 154 5.08 -4.53 3.78
N ILE A 155 3.83 -4.12 3.53
CA ILE A 155 2.74 -5.06 3.26
C ILE A 155 3.05 -5.90 2.03
N TYR A 156 3.45 -5.24 0.93
CA TYR A 156 3.82 -5.95 -0.29
C TYR A 156 4.95 -6.95 -0.07
N LEU A 157 6.01 -6.53 0.65
CA LEU A 157 7.12 -7.44 0.87
C LEU A 157 6.68 -8.65 1.70
N ASN A 158 5.84 -8.42 2.72
CA ASN A 158 5.28 -9.51 3.50
C ASN A 158 4.51 -10.47 2.59
N THR A 159 3.84 -9.91 1.57
CA THR A 159 3.05 -10.70 0.64
C THR A 159 3.95 -11.61 -0.20
N PHE A 160 5.05 -11.05 -0.73
CA PHE A 160 6.02 -11.81 -1.49
C PHE A 160 6.62 -12.91 -0.62
N ARG A 161 6.76 -12.62 0.68
CA ARG A 161 7.21 -13.60 1.65
C ARG A 161 6.24 -14.78 1.69
N HIS A 162 4.94 -14.51 1.82
CA HIS A 162 3.91 -15.56 1.80
C HIS A 162 3.98 -16.37 0.50
N LEU A 163 4.05 -15.67 -0.65
CA LEU A 163 3.90 -16.29 -1.96
C LEU A 163 5.07 -17.22 -2.30
N TYR A 164 6.30 -16.73 -2.09
CA TYR A 164 7.48 -17.29 -2.73
C TYR A 164 8.53 -17.66 -1.70
N GLY A 165 8.35 -17.18 -0.46
CA GLY A 165 9.37 -17.38 0.56
C GLY A 165 10.56 -16.44 0.37
N LEU A 166 10.35 -15.36 -0.38
CA LEU A 166 11.30 -14.26 -0.40
C LEU A 166 11.24 -13.55 0.95
N ASP A 167 12.31 -13.73 1.74
CA ASP A 167 12.32 -13.23 3.10
C ASP A 167 12.47 -11.71 3.07
N CYS A 168 12.00 -11.07 4.15
CA CYS A 168 12.11 -9.63 4.27
C CYS A 168 12.12 -9.25 5.75
N SER A 169 12.81 -8.13 6.04
CA SER A 169 12.64 -7.44 7.31
C SER A 169 12.53 -5.94 7.00
N HIS A 170 11.84 -5.20 7.88
CA HIS A 170 11.64 -3.77 7.68
C HIS A 170 12.42 -3.01 8.74
N ILE A 171 13.51 -2.37 8.32
CA ILE A 171 14.21 -1.44 9.19
C ILE A 171 13.43 -0.13 9.21
N ALA A 172 12.98 0.29 10.40
CA ALA A 172 12.17 1.50 10.53
C ALA A 172 12.90 2.52 11.41
N PRO A 173 13.82 3.33 10.84
CA PRO A 173 14.53 4.35 11.61
C PRO A 173 13.63 5.52 11.98
N ALA A 174 14.06 6.25 13.01
CA ALA A 174 13.49 7.54 13.38
C ALA A 174 14.10 8.59 12.46
N ASN A 175 14.71 9.64 13.03
CA ASN A 175 15.34 10.67 12.22
C ASN A 175 16.85 10.49 12.20
N VAL A 176 17.38 10.10 11.03
CA VAL A 176 18.77 9.75 10.84
C VAL A 176 19.56 10.99 10.45
N TYR A 177 20.77 11.12 11.00
CA TYR A 177 21.63 12.26 10.72
C TYR A 177 23.09 11.80 10.72
N GLY A 178 23.98 12.67 10.24
CA GLY A 178 25.39 12.37 10.22
C GLY A 178 26.02 12.89 8.93
N PRO A 179 27.32 12.58 8.71
CA PRO A 179 28.02 12.99 7.49
C PRO A 179 27.37 12.41 6.24
N ARG A 180 27.35 13.22 5.16
CA ARG A 180 26.92 12.84 3.82
C ARG A 180 25.45 13.16 3.61
N GLN A 181 24.71 13.45 4.67
CA GLN A 181 23.33 13.91 4.52
C GLN A 181 23.35 15.22 3.73
N ASP A 182 22.52 15.32 2.69
CA ASP A 182 22.53 16.45 1.79
C ASP A 182 22.14 17.73 2.55
N PRO A 183 23.04 18.74 2.65
CA PRO A 183 22.71 19.99 3.32
C PRO A 183 21.81 20.91 2.51
N HIS A 184 21.62 20.57 1.21
CA HIS A 184 20.84 21.38 0.29
C HIS A 184 19.46 20.77 0.05
N GLY A 185 19.19 19.60 0.64
CA GLY A 185 17.86 19.01 0.62
C GLY A 185 16.85 19.89 1.38
N GLU A 186 15.57 19.51 1.33
CA GLU A 186 14.59 20.16 2.19
C GLU A 186 14.24 19.26 3.36
N ALA A 187 14.73 18.01 3.33
CA ALA A 187 14.71 17.11 4.46
C ALA A 187 16.13 16.91 4.99
N GLY A 188 16.26 16.68 6.30
CA GLY A 188 17.55 16.41 6.92
C GLY A 188 18.05 17.62 7.71
N VAL A 189 17.26 17.98 8.73
CA VAL A 189 17.41 19.19 9.53
C VAL A 189 18.85 19.35 10.03
N VAL A 190 19.48 18.27 10.50
CA VAL A 190 20.79 18.43 11.13
C VAL A 190 21.78 18.97 10.12
N ALA A 191 21.75 18.44 8.89
CA ALA A 191 22.65 18.86 7.84
C ALA A 191 22.30 20.26 7.32
N ILE A 192 20.99 20.55 7.26
CA ILE A 192 20.54 21.86 6.79
C ILE A 192 21.04 22.91 7.76
N PHE A 193 20.87 22.64 9.07
CA PHE A 193 21.33 23.53 10.11
C PHE A 193 22.85 23.71 10.03
N ALA A 194 23.58 22.59 9.96
CA ALA A 194 25.04 22.61 10.08
C ALA A 194 25.66 23.45 8.98
N GLN A 195 25.20 23.23 7.74
CA GLN A 195 25.74 23.93 6.57
C GLN A 195 25.48 25.42 6.69
N ALA A 196 24.22 25.79 6.94
CA ALA A 196 23.80 27.18 6.99
C ALA A 196 24.58 27.94 8.07
N LEU A 197 24.67 27.36 9.27
CA LEU A 197 25.32 28.03 10.38
C LEU A 197 26.82 28.18 10.12
N LEU A 198 27.44 27.14 9.54
CA LEU A 198 28.87 27.18 9.21
C LEU A 198 29.16 28.28 8.19
N SER A 199 28.19 28.58 7.32
CA SER A 199 28.41 29.54 6.24
C SER A 199 27.79 30.89 6.60
N GLY A 200 27.19 30.97 7.79
CA GLY A 200 26.57 32.20 8.28
C GLY A 200 25.31 32.58 7.51
N LYS A 201 24.61 31.56 6.98
CA LYS A 201 23.37 31.76 6.24
C LYS A 201 22.17 31.56 7.17
N PRO A 202 20.96 32.09 6.82
CA PRO A 202 19.80 32.00 7.70
C PRO A 202 19.29 30.56 7.85
N THR A 203 18.68 30.29 9.02
CA THR A 203 18.05 29.02 9.34
C THR A 203 16.63 29.27 9.83
N ARG A 204 15.83 28.20 9.89
CA ARG A 204 14.45 28.31 10.34
C ARG A 204 14.05 27.03 11.06
N VAL A 205 13.07 27.18 11.97
CA VAL A 205 12.28 26.08 12.47
C VAL A 205 10.83 26.31 12.01
N PHE A 206 9.99 25.28 12.11
CA PHE A 206 8.62 25.39 11.62
C PHE A 206 7.66 25.46 12.80
N GLY A 207 6.55 26.18 12.62
CA GLY A 207 5.61 26.44 13.69
C GLY A 207 6.29 27.13 14.87
N ASP A 208 6.11 26.59 16.07
CA ASP A 208 6.63 27.23 17.26
C ASP A 208 7.93 26.56 17.73
N GLY A 209 8.45 25.62 16.92
CA GLY A 209 9.74 25.02 17.19
C GLY A 209 9.68 23.85 18.17
N THR A 210 8.46 23.45 18.58
CA THR A 210 8.29 22.47 19.65
C THR A 210 8.21 21.04 19.13
N ASN A 211 8.03 20.86 17.81
CA ASN A 211 8.08 19.53 17.21
C ASN A 211 9.26 18.76 17.79
N THR A 212 9.02 17.49 18.18
CA THR A 212 10.12 16.63 18.61
C THR A 212 10.38 15.56 17.55
N ARG A 213 11.64 15.13 17.47
CA ARG A 213 12.05 13.97 16.68
C ARG A 213 13.02 13.15 17.53
N ASP A 214 13.30 11.92 17.08
CA ASP A 214 14.21 10.99 17.73
C ASP A 214 15.44 10.84 16.84
N TYR A 215 16.52 11.53 17.21
CA TYR A 215 17.70 11.63 16.34
C TYR A 215 18.66 10.48 16.60
N VAL A 216 18.93 9.72 15.55
CA VAL A 216 19.75 8.53 15.63
C VAL A 216 20.86 8.61 14.58
N PHE A 217 22.09 8.27 14.99
CA PHE A 217 23.25 8.52 14.16
C PHE A 217 23.41 7.44 13.09
N VAL A 218 23.89 7.85 11.91
CA VAL A 218 23.85 7.03 10.71
C VAL A 218 24.59 5.70 10.91
N ASP A 219 25.76 5.76 11.59
CA ASP A 219 26.57 4.57 11.81
C ASP A 219 25.79 3.53 12.59
N ASP A 220 24.95 3.99 13.53
CA ASP A 220 24.12 3.12 14.36
C ASP A 220 23.06 2.44 13.50
N VAL A 221 22.41 3.22 12.62
CA VAL A 221 21.36 2.72 11.75
C VAL A 221 21.92 1.66 10.80
N VAL A 222 23.15 1.90 10.33
CA VAL A 222 23.79 1.02 9.37
C VAL A 222 24.07 -0.35 10.02
N ASP A 223 24.47 -0.33 11.29
CA ASP A 223 24.74 -1.58 12.01
C ASP A 223 23.45 -2.41 12.12
N ALA A 224 22.31 -1.73 12.19
CA ALA A 224 21.04 -2.41 12.31
C ALA A 224 20.74 -3.15 11.00
N PHE A 225 20.97 -2.46 9.88
CA PHE A 225 20.84 -3.09 8.56
C PHE A 225 21.65 -4.38 8.51
N VAL A 226 22.90 -4.32 8.95
CA VAL A 226 23.82 -5.45 8.86
C VAL A 226 23.26 -6.63 9.67
N ARG A 227 22.85 -6.37 10.92
CA ARG A 227 22.39 -7.43 11.82
C ARG A 227 21.16 -8.13 11.25
N VAL A 228 20.27 -7.37 10.61
CA VAL A 228 18.96 -7.91 10.22
C VAL A 228 19.06 -8.61 8.86
N SER A 229 20.23 -8.52 8.21
CA SER A 229 20.41 -9.15 6.91
C SER A 229 20.52 -10.66 7.05
N ALA A 230 20.75 -11.15 8.28
CA ALA A 230 20.87 -12.57 8.54
C ALA A 230 19.47 -13.19 8.57
N ASP A 231 19.39 -14.48 8.84
CA ASP A 231 18.07 -15.20 8.90
C ASP A 231 17.42 -14.90 10.25
N VAL A 232 16.91 -13.69 10.42
CA VAL A 232 16.25 -13.24 11.68
C VAL A 232 15.26 -12.14 11.35
N GLY A 233 14.14 -12.07 12.07
CA GLY A 233 13.15 -10.99 11.88
C GLY A 233 12.33 -11.08 10.60
N GLY A 234 12.13 -12.28 10.06
CA GLY A 234 11.32 -12.49 8.85
C GLY A 234 9.92 -11.96 8.98
N GLY A 235 9.52 -11.04 8.10
CA GLY A 235 8.19 -10.40 8.16
C GLY A 235 8.03 -9.40 9.30
N LEU A 236 9.10 -9.10 10.02
CA LEU A 236 9.01 -8.21 11.20
C LEU A 236 9.60 -6.82 10.96
N ARG A 237 9.02 -5.81 11.60
CA ARG A 237 9.57 -4.44 11.56
C ARG A 237 10.42 -4.20 12.80
N PHE A 238 11.52 -3.47 12.65
CA PHE A 238 12.40 -3.13 13.80
C PHE A 238 12.55 -1.61 13.88
N ASN A 239 12.01 -1.03 14.95
CA ASN A 239 12.20 0.42 15.18
C ASN A 239 13.68 0.68 15.48
N ILE A 240 14.29 1.61 14.75
CA ILE A 240 15.73 1.94 14.94
C ILE A 240 15.87 3.41 15.37
N GLY A 241 16.18 3.62 16.64
CA GLY A 241 16.31 4.97 17.18
C GLY A 241 16.95 5.05 18.55
N THR A 242 16.61 6.08 19.33
CA THR A 242 17.27 6.34 20.64
C THR A 242 16.25 6.32 21.79
N GLY A 243 14.96 6.47 21.49
CA GLY A 243 13.94 6.58 22.54
C GLY A 243 14.02 7.91 23.26
N LYS A 244 14.70 8.88 22.66
CA LYS A 244 14.84 10.23 23.25
C LYS A 244 14.30 11.29 22.28
N GLU A 245 13.50 12.22 22.79
CA GLU A 245 12.89 13.29 21.97
C GLU A 245 13.68 14.60 22.08
N THR A 246 13.96 15.20 20.93
CA THR A 246 14.66 16.50 20.89
C THR A 246 13.81 17.47 20.05
N SER A 247 13.54 18.65 20.58
CA SER A 247 12.77 19.69 19.85
C SER A 247 13.59 20.32 18.73
N ASP A 248 12.90 20.89 17.75
CA ASP A 248 13.57 21.64 16.67
C ASP A 248 14.45 22.75 17.28
N ARG A 249 13.90 23.53 18.20
CA ARG A 249 14.64 24.65 18.87
C ARG A 249 15.84 24.10 19.64
N GLN A 250 15.66 23.00 20.38
CA GLN A 250 16.78 22.34 21.09
C GLN A 250 17.85 21.89 20.09
N LEU A 251 17.43 21.24 19.00
CA LEU A 251 18.36 20.81 17.94
C LEU A 251 19.18 22.01 17.42
N HIS A 252 18.50 23.08 17.02
CA HIS A 252 19.17 24.32 16.55
C HIS A 252 20.20 24.79 17.58
N SER A 253 19.80 24.84 18.83
CA SER A 253 20.69 25.34 19.89
C SER A 253 21.94 24.45 19.96
N ALA A 254 21.76 23.15 19.83
CA ALA A 254 22.89 22.20 19.90
C ALA A 254 23.82 22.36 18.69
N VAL A 255 23.26 22.52 17.50
CA VAL A 255 24.09 22.67 16.27
C VAL A 255 24.85 24.01 16.32
N ALA A 256 24.18 25.06 16.78
CA ALA A 256 24.79 26.40 16.87
C ALA A 256 25.93 26.38 17.90
N ALA A 257 25.75 25.60 18.95
CA ALA A 257 26.79 25.48 20.00
C ALA A 257 28.02 24.75 19.44
N ALA A 258 27.82 23.75 18.60
CA ALA A 258 28.94 23.00 17.99
C ALA A 258 29.63 23.87 16.93
N VAL A 259 28.84 24.65 16.19
CA VAL A 259 29.41 25.49 15.10
C VAL A 259 29.99 26.75 15.72
N GLY A 260 29.49 27.12 16.89
CA GLY A 260 29.86 28.42 17.45
C GLY A 260 29.06 29.45 16.68
N GLY A 261 28.86 30.63 17.21
CA GLY A 261 28.04 31.56 16.44
C GLY A 261 26.62 31.67 16.94
N PRO A 262 25.77 32.47 16.29
CA PRO A 262 24.42 32.72 16.79
C PRO A 262 23.43 31.54 16.87
N ASP A 263 22.46 31.64 17.77
CA ASP A 263 21.38 30.64 17.91
C ASP A 263 20.07 31.42 17.78
N ASP A 264 19.74 31.84 16.57
CA ASP A 264 18.58 32.72 16.33
C ASP A 264 17.89 32.29 15.05
N PRO A 265 17.14 31.17 15.07
CA PRO A 265 16.46 30.71 13.89
C PRO A 265 15.20 31.53 13.58
N GLU A 266 14.85 31.63 12.30
CA GLU A 266 13.56 32.26 11.94
C GLU A 266 12.46 31.25 12.24
N PHE A 267 11.26 31.71 12.53
CA PHE A 267 10.11 30.81 12.74
C PHE A 267 9.19 30.94 11.54
N HIS A 268 9.05 29.87 10.77
CA HIS A 268 8.19 29.89 9.56
C HIS A 268 6.90 29.11 9.83
N PRO A 269 5.90 29.20 8.94
CA PRO A 269 4.63 28.54 9.15
C PRO A 269 4.74 27.01 9.21
N PRO A 270 3.81 26.35 9.92
CA PRO A 270 3.77 24.88 9.97
C PRO A 270 3.68 24.20 8.59
N ARG A 271 4.24 23.00 8.46
CA ARG A 271 4.29 22.28 7.16
C ARG A 271 3.26 21.15 7.15
N LEU A 272 2.33 21.20 6.20
CA LEU A 272 1.30 20.13 6.07
C LEU A 272 1.96 18.77 5.87
N GLY A 273 1.59 17.79 6.69
CA GLY A 273 2.16 16.44 6.61
C GLY A 273 3.13 16.14 7.74
N ASP A 274 3.69 17.18 8.36
CA ASP A 274 4.71 16.99 9.42
C ASP A 274 4.05 16.68 10.76
N LEU A 275 4.40 15.55 11.35
CA LEU A 275 3.92 15.21 12.70
C LEU A 275 4.60 16.12 13.72
N LYS A 276 3.96 16.31 14.87
CA LYS A 276 4.51 17.19 15.93
C LYS A 276 5.55 16.44 16.78
N ARG A 277 5.32 15.15 17.01
CA ARG A 277 6.21 14.36 17.90
C ARG A 277 6.61 13.01 17.29
N SER A 278 7.80 12.52 17.64
CA SER A 278 8.26 11.15 17.23
C SER A 278 9.29 10.62 18.25
N CYS A 279 9.04 9.44 18.81
CA CYS A 279 9.96 8.78 19.77
C CYS A 279 9.75 7.28 19.66
N LEU A 280 10.83 6.53 19.44
CA LEU A 280 10.68 5.10 19.15
C LEU A 280 11.10 4.18 20.30
N ASP A 281 10.26 3.18 20.55
CA ASP A 281 10.63 2.11 21.51
C ASP A 281 11.55 1.17 20.74
N ILE A 282 12.76 0.94 21.24
CA ILE A 282 13.77 0.13 20.50
C ILE A 282 14.07 -1.19 21.25
N GLY A 283 13.16 -1.60 22.12
CA GLY A 283 13.34 -2.88 22.85
C GLY A 283 13.49 -4.10 21.94
N LEU A 284 12.69 -4.22 20.89
CA LEU A 284 12.68 -5.43 20.02
C LEU A 284 14.03 -5.63 19.34
N ALA A 285 14.59 -4.54 18.82
CA ALA A 285 15.90 -4.60 18.16
C ALA A 285 16.98 -5.01 19.17
N GLU A 286 16.91 -4.53 20.40
CA GLU A 286 17.90 -4.90 21.43
C GLU A 286 17.85 -6.41 21.71
N ARG A 287 16.65 -6.96 21.90
CA ARG A 287 16.51 -8.39 22.26
C ARG A 287 16.84 -9.30 21.06
N VAL A 288 16.14 -9.11 19.94
CA VAL A 288 16.28 -10.02 18.77
C VAL A 288 17.64 -9.90 18.09
N LEU A 289 18.10 -8.68 17.84
CA LEU A 289 19.34 -8.46 17.05
C LEU A 289 20.56 -8.08 17.92
N GLY A 290 20.35 -7.72 19.18
CA GLY A 290 21.47 -7.22 19.99
C GLY A 290 21.87 -5.81 19.58
N TRP A 291 20.94 -5.11 18.93
CA TRP A 291 21.23 -3.73 18.46
C TRP A 291 20.94 -2.68 19.54
N ARG A 292 21.88 -1.76 19.71
CA ARG A 292 21.69 -0.61 20.62
C ARG A 292 22.40 0.59 20.00
N PRO A 293 21.81 1.81 20.08
CA PRO A 293 22.50 3.01 19.60
C PRO A 293 23.73 3.38 20.47
N GLN A 294 24.86 3.65 19.83
CA GLN A 294 26.13 3.99 20.52
C GLN A 294 26.36 5.50 20.56
N ILE A 295 25.89 6.23 19.55
CA ILE A 295 26.23 7.67 19.47
C ILE A 295 25.12 8.56 20.02
N GLU A 296 25.44 9.33 21.05
CA GLU A 296 24.46 10.32 21.58
C GLU A 296 24.48 11.58 20.69
N LEU A 297 23.43 12.39 20.75
CA LEU A 297 23.28 13.58 19.86
C LEU A 297 24.46 14.57 19.96
N ALA A 298 24.81 15.01 21.16
CA ALA A 298 25.96 15.92 21.32
C ALA A 298 27.16 15.41 20.51
N ASP A 299 27.48 14.13 20.64
CA ASP A 299 28.60 13.50 19.90
C ASP A 299 28.30 13.50 18.41
N GLY A 300 27.11 13.05 18.03
CA GLY A 300 26.72 13.00 16.61
C GLY A 300 26.77 14.36 15.96
N VAL A 301 26.28 15.38 16.67
CA VAL A 301 26.25 16.76 16.12
C VAL A 301 27.69 17.21 15.84
N ARG A 302 28.61 16.95 16.77
CA ARG A 302 30.02 17.35 16.60
C ARG A 302 30.61 16.67 15.36
N ARG A 303 30.39 15.36 15.23
CA ARG A 303 30.92 14.59 14.08
C ARG A 303 30.34 15.12 12.77
N THR A 304 29.04 15.40 12.77
CA THR A 304 28.37 15.89 11.54
C THR A 304 28.92 17.29 11.19
N VAL A 305 29.03 18.18 12.18
CA VAL A 305 29.51 19.58 11.96
C VAL A 305 30.96 19.59 11.48
N GLU A 306 31.79 18.69 12.02
CA GLU A 306 33.21 18.61 11.65
C GLU A 306 33.34 18.04 10.23
N TYR A 307 32.38 17.20 9.80
CA TYR A 307 32.37 16.71 8.40
C TYR A 307 32.04 17.85 7.44
N PHE A 308 31.18 18.76 7.87
CA PHE A 308 30.73 19.86 6.98
C PHE A 308 31.77 21.00 7.00
N ARG A 309 32.50 21.12 8.09
CA ARG A 309 33.52 22.21 8.23
C ARG A 309 34.55 22.08 7.12
N HIS A 310 34.75 20.87 6.62
CA HIS A 310 35.70 20.64 5.52
C HIS A 310 34.95 20.42 4.20
N MET B 1 -28.27 13.77 -4.95
CA MET B 1 -26.84 14.21 -4.94
C MET B 1 -26.19 13.84 -6.27
N ARG B 2 -25.01 14.42 -6.53
CA ARG B 2 -24.19 14.04 -7.67
C ARG B 2 -23.22 12.96 -7.21
N ALA B 3 -23.22 11.82 -7.92
CA ALA B 3 -22.33 10.70 -7.65
C ALA B 3 -21.50 10.38 -8.89
N LEU B 4 -20.26 9.91 -8.67
CA LEU B 4 -19.43 9.36 -9.73
C LEU B 4 -19.00 7.96 -9.33
N VAL B 5 -19.13 7.01 -10.27
CA VAL B 5 -18.81 5.61 -10.03
C VAL B 5 -17.70 5.21 -11.01
N THR B 6 -16.52 4.95 -10.46
CA THR B 6 -15.45 4.32 -11.23
C THR B 6 -15.72 2.81 -11.28
N GLY B 7 -15.32 2.19 -12.39
CA GLY B 7 -15.62 0.80 -12.63
C GLY B 7 -17.09 0.60 -13.03
N ALA B 8 -17.71 1.68 -13.53
CA ALA B 8 -19.16 1.75 -13.73
C ALA B 8 -19.67 0.77 -14.77
N ALA B 9 -18.82 0.30 -15.70
CA ALA B 9 -19.27 -0.64 -16.74
C ALA B 9 -19.11 -2.08 -16.27
N GLY B 10 -18.69 -2.25 -15.01
CA GLY B 10 -18.45 -3.57 -14.44
C GLY B 10 -19.71 -4.15 -13.82
N PHE B 11 -19.54 -5.36 -13.27
CA PHE B 11 -20.58 -6.14 -12.61
C PHE B 11 -21.22 -5.35 -11.47
N ILE B 12 -20.41 -5.01 -10.44
CA ILE B 12 -20.96 -4.36 -9.26
C ILE B 12 -21.28 -2.91 -9.58
N GLY B 13 -20.36 -2.24 -10.28
CA GLY B 13 -20.47 -0.83 -10.64
C GLY B 13 -21.75 -0.49 -11.41
N SER B 14 -22.08 -1.28 -12.45
CA SER B 14 -23.27 -1.02 -13.24
C SER B 14 -24.53 -1.18 -12.38
N THR B 15 -24.51 -2.18 -11.49
CA THR B 15 -25.59 -2.42 -10.55
C THR B 15 -25.75 -1.22 -9.62
N LEU B 16 -24.63 -0.70 -9.10
CA LEU B 16 -24.63 0.46 -8.24
C LEU B 16 -25.20 1.67 -8.98
N VAL B 17 -24.81 1.84 -10.25
CA VAL B 17 -25.27 2.98 -11.01
C VAL B 17 -26.80 2.93 -11.10
N ASP B 18 -27.34 1.72 -11.31
CA ASP B 18 -28.77 1.51 -11.41
C ASP B 18 -29.45 1.94 -10.11
N ARG B 19 -28.90 1.49 -8.98
CA ARG B 19 -29.48 1.81 -7.67
C ARG B 19 -29.45 3.32 -7.43
N LEU B 20 -28.34 3.99 -7.78
CA LEU B 20 -28.20 5.40 -7.46
C LEU B 20 -29.19 6.22 -8.28
N LEU B 21 -29.35 5.84 -9.56
CA LEU B 21 -30.33 6.47 -10.44
C LEU B 21 -31.75 6.26 -9.90
N ALA B 22 -32.07 5.03 -9.47
CA ALA B 22 -33.39 4.74 -8.92
C ALA B 22 -33.65 5.54 -7.65
N ASP B 23 -32.57 5.97 -6.97
CA ASP B 23 -32.71 6.73 -5.73
C ASP B 23 -32.83 8.22 -6.04
N GLY B 24 -32.73 8.58 -7.33
CA GLY B 24 -32.96 9.95 -7.75
C GLY B 24 -31.69 10.77 -7.86
N HIS B 25 -30.52 10.13 -7.75
CA HIS B 25 -29.24 10.82 -7.89
C HIS B 25 -28.87 10.98 -9.37
N SER B 26 -28.08 12.02 -9.67
CA SER B 26 -27.39 12.05 -10.95
C SER B 26 -26.07 11.30 -10.81
N VAL B 27 -25.68 10.59 -11.88
CA VAL B 27 -24.58 9.64 -11.80
C VAL B 27 -23.67 9.80 -13.01
N VAL B 28 -22.38 10.04 -12.73
CA VAL B 28 -21.35 9.91 -13.74
C VAL B 28 -20.71 8.54 -13.56
N GLY B 29 -20.70 7.76 -14.65
CA GLY B 29 -19.96 6.50 -14.71
C GLY B 29 -18.63 6.68 -15.45
N LEU B 30 -17.61 5.96 -14.99
CA LEU B 30 -16.26 6.03 -15.53
C LEU B 30 -15.68 4.61 -15.61
N ASP B 31 -15.04 4.29 -16.74
CA ASP B 31 -14.51 2.95 -16.96
C ASP B 31 -13.57 2.98 -18.17
N ASN B 32 -12.69 1.99 -18.26
CA ASN B 32 -11.78 1.90 -19.40
C ASN B 32 -12.00 0.58 -20.14
N PHE B 33 -12.96 -0.23 -19.66
CA PHE B 33 -13.36 -1.49 -20.28
C PHE B 33 -12.22 -2.51 -20.26
N ALA B 34 -11.31 -2.38 -19.29
CA ALA B 34 -10.33 -3.42 -19.03
C ALA B 34 -11.04 -4.76 -18.81
N THR B 35 -12.10 -4.77 -18.00
CA THR B 35 -12.87 -5.98 -17.75
C THR B 35 -14.36 -5.73 -17.92
N GLY B 36 -14.75 -4.46 -18.06
CA GLY B 36 -16.16 -4.10 -18.14
C GLY B 36 -16.77 -4.40 -19.51
N ARG B 37 -18.10 -4.17 -19.61
CA ARG B 37 -18.86 -4.51 -20.81
C ARG B 37 -19.89 -3.42 -21.10
N ALA B 38 -19.92 -2.98 -22.37
CA ALA B 38 -20.89 -2.00 -22.83
C ALA B 38 -22.32 -2.42 -22.53
N THR B 39 -22.59 -3.73 -22.58
CA THR B 39 -23.94 -4.23 -22.39
C THR B 39 -24.43 -3.96 -20.97
N ASN B 40 -23.51 -3.69 -20.05
CA ASN B 40 -23.84 -3.51 -18.65
C ASN B 40 -24.52 -2.16 -18.45
N LEU B 41 -24.34 -1.23 -19.39
CA LEU B 41 -24.84 0.14 -19.25
C LEU B 41 -25.73 0.54 -20.44
N GLU B 42 -25.92 -0.34 -21.42
CA GLU B 42 -26.52 0.03 -22.69
C GLU B 42 -27.94 0.57 -22.51
N HIS B 43 -28.61 0.17 -21.41
CA HIS B 43 -29.99 0.54 -21.16
C HIS B 43 -30.09 1.99 -20.68
N LEU B 44 -28.96 2.63 -20.41
CA LEU B 44 -28.95 3.97 -19.84
C LEU B 44 -28.77 5.04 -20.92
N ALA B 45 -28.80 4.62 -22.19
CA ALA B 45 -28.44 5.50 -23.30
C ALA B 45 -29.28 6.79 -23.27
N ASP B 46 -30.57 6.69 -22.96
CA ASP B 46 -31.48 7.83 -23.08
C ASP B 46 -31.78 8.50 -21.73
N ASN B 47 -31.05 8.10 -20.69
CA ASN B 47 -31.27 8.63 -19.34
C ASN B 47 -30.36 9.82 -19.12
N SER B 48 -30.97 11.00 -18.96
CA SER B 48 -30.23 12.26 -18.90
C SER B 48 -29.61 12.49 -17.52
N ALA B 49 -29.95 11.61 -16.57
CA ALA B 49 -29.35 11.68 -15.24
C ALA B 49 -28.03 10.91 -15.19
N HIS B 50 -27.66 10.27 -16.30
CA HIS B 50 -26.42 9.49 -16.38
C HIS B 50 -25.55 9.98 -17.52
N VAL B 51 -24.26 10.21 -17.19
CA VAL B 51 -23.24 10.56 -18.17
C VAL B 51 -22.12 9.54 -18.02
N PHE B 52 -21.60 9.01 -19.15
CA PHE B 52 -20.49 8.07 -19.08
C PHE B 52 -19.21 8.71 -19.62
N VAL B 53 -18.10 8.52 -18.88
CA VAL B 53 -16.77 8.96 -19.29
C VAL B 53 -15.85 7.74 -19.41
N GLU B 54 -15.32 7.49 -20.62
CA GLU B 54 -14.26 6.48 -20.77
C GLU B 54 -12.95 7.09 -20.31
N ALA B 55 -12.38 6.51 -19.24
CA ALA B 55 -11.13 7.01 -18.70
C ALA B 55 -10.38 5.87 -18.03
N ASP B 56 -9.04 5.90 -18.17
CA ASP B 56 -8.15 5.02 -17.45
C ASP B 56 -7.69 5.77 -16.22
N ILE B 57 -7.93 5.21 -15.02
CA ILE B 57 -7.67 5.91 -13.78
C ILE B 57 -6.16 6.09 -13.58
N VAL B 58 -5.36 5.30 -14.30
CA VAL B 58 -3.91 5.37 -14.18
C VAL B 58 -3.37 6.61 -14.89
N THR B 59 -3.96 7.00 -16.03
CA THR B 59 -3.37 8.03 -16.87
C THR B 59 -4.30 9.20 -17.17
N ALA B 60 -5.63 9.00 -17.07
CA ALA B 60 -6.58 10.05 -17.36
C ALA B 60 -6.34 11.25 -16.45
N ASP B 61 -6.74 12.43 -16.93
CA ASP B 61 -6.77 13.65 -16.14
C ASP B 61 -8.00 13.62 -15.24
N LEU B 62 -7.88 12.92 -14.11
CA LEU B 62 -9.00 12.74 -13.19
C LEU B 62 -9.38 14.08 -12.58
N HIS B 63 -8.39 14.95 -12.39
CA HIS B 63 -8.64 16.28 -11.86
C HIS B 63 -9.68 17.03 -12.70
N ALA B 64 -9.51 16.99 -14.03
CA ALA B 64 -10.36 17.73 -14.94
C ALA B 64 -11.75 17.11 -15.03
N ILE B 65 -11.81 15.77 -14.94
CA ILE B 65 -13.08 15.06 -15.01
C ILE B 65 -13.91 15.43 -13.77
N LEU B 66 -13.26 15.41 -12.60
CA LEU B 66 -13.94 15.70 -11.34
C LEU B 66 -14.26 17.19 -11.25
N GLU B 67 -13.40 18.03 -11.85
CA GLU B 67 -13.66 19.47 -11.87
C GLU B 67 -14.92 19.75 -12.69
N GLN B 68 -15.14 18.97 -13.74
CA GLN B 68 -16.26 19.18 -14.64
C GLN B 68 -17.56 18.72 -13.98
N HIS B 69 -17.51 17.57 -13.30
CA HIS B 69 -18.74 16.90 -12.88
C HIS B 69 -19.10 17.20 -11.44
N ARG B 70 -18.13 17.64 -10.64
CA ARG B 70 -18.31 18.00 -9.23
C ARG B 70 -19.13 16.96 -8.46
N PRO B 71 -18.75 15.66 -8.44
CA PRO B 71 -19.52 14.68 -7.66
C PRO B 71 -19.37 14.99 -6.17
N GLU B 72 -20.43 14.71 -5.41
CA GLU B 72 -20.37 14.88 -3.97
C GLU B 72 -19.72 13.64 -3.36
N VAL B 73 -20.08 12.46 -3.90
CA VAL B 73 -19.47 11.20 -3.48
C VAL B 73 -18.88 10.48 -4.69
N VAL B 74 -17.68 9.92 -4.50
CA VAL B 74 -17.09 9.02 -5.47
C VAL B 74 -17.13 7.60 -4.90
N PHE B 75 -17.79 6.71 -5.65
CA PHE B 75 -17.74 5.27 -5.40
C PHE B 75 -16.64 4.65 -6.24
N HIS B 76 -15.58 4.16 -5.61
CA HIS B 76 -14.40 3.70 -6.31
C HIS B 76 -14.40 2.18 -6.45
N LEU B 77 -14.80 1.69 -7.63
CA LEU B 77 -14.87 0.25 -7.87
C LEU B 77 -13.93 -0.14 -9.00
N ALA B 78 -13.27 0.83 -9.63
CA ALA B 78 -12.35 0.50 -10.71
C ALA B 78 -11.10 -0.17 -10.13
N ALA B 79 -10.80 -1.38 -10.62
CA ALA B 79 -9.69 -2.17 -10.12
C ALA B 79 -9.39 -3.32 -11.08
N GLN B 80 -8.16 -3.82 -11.00
CA GLN B 80 -7.78 -5.15 -11.47
C GLN B 80 -8.28 -6.12 -10.40
N ILE B 81 -9.14 -7.08 -10.78
N ILE B 81 -9.13 -7.08 -10.80
CA ILE B 81 -9.91 -7.83 -9.80
CA ILE B 81 -9.93 -7.83 -9.83
C ILE B 81 -9.45 -9.28 -9.67
C ILE B 81 -9.40 -9.26 -9.63
N ASP B 82 -8.53 -9.72 -10.54
CA ASP B 82 -8.19 -11.14 -10.55
C ASP B 82 -6.95 -11.44 -9.72
N VAL B 83 -7.11 -12.32 -8.73
CA VAL B 83 -6.03 -12.68 -7.82
C VAL B 83 -4.90 -13.32 -8.61
N ARG B 84 -5.25 -14.25 -9.52
CA ARG B 84 -4.24 -14.98 -10.27
C ARG B 84 -3.46 -14.01 -11.16
N ARG B 85 -4.16 -13.04 -11.75
CA ARG B 85 -3.52 -12.07 -12.63
C ARG B 85 -2.58 -11.17 -11.83
N SER B 86 -2.95 -10.88 -10.57
CA SER B 86 -2.14 -10.03 -9.72
C SER B 86 -0.81 -10.70 -9.39
N VAL B 87 -0.82 -12.04 -9.31
CA VAL B 87 0.37 -12.83 -9.03
C VAL B 87 1.28 -12.83 -10.27
N ALA B 88 0.66 -12.95 -11.46
CA ALA B 88 1.40 -13.01 -12.72
C ALA B 88 2.04 -11.67 -13.05
N ASP B 89 1.36 -10.56 -12.71
CA ASP B 89 1.87 -9.22 -12.95
C ASP B 89 1.52 -8.32 -11.77
N PRO B 90 2.29 -8.40 -10.65
CA PRO B 90 2.01 -7.55 -9.49
C PRO B 90 2.15 -6.06 -9.77
N GLN B 91 3.01 -5.70 -10.74
CA GLN B 91 3.23 -4.30 -11.06
C GLN B 91 1.96 -3.68 -11.67
N PHE B 92 1.37 -4.38 -12.64
CA PHE B 92 0.17 -3.88 -13.30
C PHE B 92 -0.94 -3.71 -12.27
N ASP B 93 -1.11 -4.69 -11.39
CA ASP B 93 -2.13 -4.67 -10.36
C ASP B 93 -1.90 -3.50 -9.40
N ALA B 94 -0.64 -3.27 -9.01
CA ALA B 94 -0.32 -2.17 -8.11
C ALA B 94 -0.60 -0.81 -8.77
N ALA B 95 -0.31 -0.70 -10.07
CA ALA B 95 -0.52 0.54 -10.80
C ALA B 95 -2.00 0.92 -10.78
N VAL B 96 -2.89 -0.06 -11.04
CA VAL B 96 -4.31 0.21 -11.12
C VAL B 96 -4.90 0.43 -9.72
N ASN B 97 -4.55 -0.45 -8.78
CA ASN B 97 -5.27 -0.51 -7.50
C ASN B 97 -4.67 0.46 -6.48
N VAL B 98 -3.36 0.69 -6.54
CA VAL B 98 -2.74 1.66 -5.64
C VAL B 98 -2.61 3.01 -6.35
N ILE B 99 -1.85 3.06 -7.44
CA ILE B 99 -1.60 4.33 -8.10
C ILE B 99 -2.92 4.96 -8.54
N GLY B 100 -3.78 4.16 -9.18
CA GLY B 100 -5.09 4.63 -9.60
C GLY B 100 -5.89 5.29 -8.47
N THR B 101 -5.86 4.65 -7.28
CA THR B 101 -6.60 5.13 -6.11
C THR B 101 -5.98 6.43 -5.61
N VAL B 102 -4.65 6.48 -5.59
CA VAL B 102 -3.96 7.69 -5.16
C VAL B 102 -4.33 8.85 -6.08
N ARG B 103 -4.33 8.59 -7.39
CA ARG B 103 -4.61 9.64 -8.38
C ARG B 103 -6.03 10.18 -8.20
N LEU B 104 -6.96 9.29 -7.88
CA LEU B 104 -8.36 9.66 -7.68
C LEU B 104 -8.50 10.53 -6.42
N ALA B 105 -7.81 10.13 -5.34
CA ALA B 105 -7.86 10.85 -4.07
C ALA B 105 -7.27 12.25 -4.22
N GLU B 106 -6.13 12.33 -4.93
CA GLU B 106 -5.45 13.60 -5.16
C GLU B 106 -6.35 14.53 -5.98
N ALA B 107 -7.11 13.98 -6.93
CA ALA B 107 -8.06 14.76 -7.72
C ALA B 107 -9.28 15.16 -6.86
N ALA B 108 -9.74 14.23 -6.01
CA ALA B 108 -10.96 14.45 -5.24
C ALA B 108 -10.75 15.54 -4.19
N ARG B 109 -9.55 15.61 -3.62
CA ARG B 109 -9.27 16.56 -2.55
C ARG B 109 -9.17 17.98 -3.08
N GLN B 110 -9.06 18.14 -4.41
CA GLN B 110 -8.88 19.44 -5.04
C GLN B 110 -10.17 19.94 -5.67
N THR B 111 -11.24 19.12 -5.65
CA THR B 111 -12.42 19.37 -6.46
C THR B 111 -13.70 19.31 -5.63
N GLY B 112 -13.57 19.41 -4.30
CA GLY B 112 -14.71 19.62 -3.41
C GLY B 112 -15.56 18.37 -3.18
N VAL B 113 -14.99 17.19 -3.48
CA VAL B 113 -15.64 15.92 -3.19
C VAL B 113 -15.75 15.80 -1.67
N ARG B 114 -16.93 15.39 -1.19
CA ARG B 114 -17.15 15.20 0.24
C ARG B 114 -16.49 13.89 0.68
N LYS B 115 -16.73 12.81 -0.08
CA LYS B 115 -16.38 11.47 0.40
C LYS B 115 -16.04 10.54 -0.76
N ILE B 116 -15.05 9.67 -0.54
CA ILE B 116 -14.78 8.53 -1.40
C ILE B 116 -15.17 7.25 -0.65
N VAL B 117 -16.06 6.45 -1.24
CA VAL B 117 -16.32 5.11 -0.76
C VAL B 117 -15.43 4.16 -1.56
N HIS B 118 -14.39 3.63 -0.90
CA HIS B 118 -13.45 2.72 -1.53
C HIS B 118 -14.02 1.31 -1.52
N THR B 119 -13.60 0.50 -2.50
CA THR B 119 -13.88 -0.93 -2.49
C THR B 119 -12.59 -1.67 -2.16
N SER B 120 -12.57 -2.26 -0.96
CA SER B 120 -11.49 -3.11 -0.51
C SER B 120 -11.85 -4.55 -0.85
N SER B 121 -11.18 -5.52 -0.22
CA SER B 121 -11.55 -6.90 -0.45
C SER B 121 -11.60 -7.65 0.88
N GLY B 122 -12.79 -7.69 1.49
CA GLY B 122 -12.99 -8.41 2.74
C GLY B 122 -12.56 -9.87 2.59
N GLY B 123 -12.69 -10.41 1.36
CA GLY B 123 -12.37 -11.79 1.08
C GLY B 123 -10.88 -12.11 1.23
N SER B 124 -10.00 -11.14 0.93
CA SER B 124 -8.61 -11.51 0.74
C SER B 124 -7.63 -10.84 1.70
N ILE B 125 -8.03 -9.70 2.29
CA ILE B 125 -7.10 -8.85 3.02
C ILE B 125 -6.65 -9.49 4.35
N TYR B 126 -7.44 -10.44 4.88
CA TYR B 126 -7.17 -10.93 6.22
C TYR B 126 -6.18 -12.11 6.19
N GLY B 127 -6.05 -12.75 5.03
CA GLY B 127 -5.15 -13.89 4.92
C GLY B 127 -5.70 -15.11 5.64
N THR B 128 -4.98 -15.56 6.67
CA THR B 128 -5.42 -16.68 7.50
C THR B 128 -5.60 -16.18 8.93
N PRO B 129 -6.68 -15.44 9.25
CA PRO B 129 -6.83 -14.85 10.59
C PRO B 129 -7.13 -15.95 11.59
N PRO B 130 -6.94 -15.74 12.91
CA PRO B 130 -7.35 -16.73 13.92
C PRO B 130 -8.86 -16.78 14.14
N GLU B 131 -9.60 -15.84 13.54
CA GLU B 131 -11.02 -15.72 13.80
C GLU B 131 -11.83 -15.83 12.51
N TYR B 132 -12.81 -16.74 12.50
CA TYR B 132 -13.88 -16.78 11.50
C TYR B 132 -15.21 -17.00 12.20
N PRO B 133 -16.27 -16.20 11.93
CA PRO B 133 -16.19 -15.05 11.01
C PRO B 133 -15.20 -13.97 11.44
N THR B 134 -14.56 -13.35 10.45
CA THR B 134 -13.48 -12.40 10.67
C THR B 134 -14.01 -10.98 10.82
N PRO B 135 -13.77 -10.34 11.99
CA PRO B 135 -14.12 -8.93 12.21
C PRO B 135 -13.06 -7.96 11.68
N GLU B 136 -13.44 -6.67 11.56
CA GLU B 136 -12.58 -5.67 10.94
C GLU B 136 -11.38 -5.35 11.84
N THR B 137 -11.49 -5.72 13.13
CA THR B 137 -10.42 -5.47 14.08
C THR B 137 -9.31 -6.49 13.93
N ALA B 138 -9.54 -7.55 13.14
CA ALA B 138 -8.53 -8.55 12.86
C ALA B 138 -7.42 -7.92 12.00
N PRO B 139 -6.13 -8.11 12.34
N PRO B 139 -6.13 -8.23 12.27
CA PRO B 139 -5.04 -7.55 11.54
CA PRO B 139 -5.03 -7.64 11.52
C PRO B 139 -5.06 -8.10 10.11
C PRO B 139 -5.15 -8.10 10.07
N THR B 140 -4.79 -7.21 9.13
CA THR B 140 -4.69 -7.62 7.73
C THR B 140 -3.40 -8.40 7.53
N ASP B 141 -3.42 -9.34 6.58
CA ASP B 141 -2.26 -10.19 6.31
C ASP B 141 -2.36 -10.71 4.89
N PRO B 142 -2.33 -9.82 3.88
CA PRO B 142 -2.49 -10.23 2.48
C PRO B 142 -1.46 -11.26 2.03
N ALA B 143 -1.92 -12.23 1.24
CA ALA B 143 -1.10 -13.31 0.73
C ALA B 143 -1.06 -13.28 -0.80
N SER B 144 -1.64 -12.23 -1.38
CA SER B 144 -1.57 -11.99 -2.82
C SER B 144 -1.39 -10.50 -3.08
N PRO B 145 -0.76 -10.09 -4.21
CA PRO B 145 -0.59 -8.67 -4.54
C PRO B 145 -1.92 -7.92 -4.66
N TYR B 146 -2.97 -8.59 -5.16
CA TYR B 146 -4.31 -8.03 -5.21
C TYR B 146 -4.72 -7.54 -3.82
N ALA B 147 -4.60 -8.41 -2.82
CA ALA B 147 -5.01 -8.10 -1.46
C ALA B 147 -4.11 -7.01 -0.86
N ALA B 148 -2.81 -7.09 -1.15
CA ALA B 148 -1.88 -6.07 -0.66
C ALA B 148 -2.30 -4.70 -1.17
N GLY B 149 -2.62 -4.62 -2.47
CA GLY B 149 -2.99 -3.36 -3.08
C GLY B 149 -4.30 -2.80 -2.52
N LYS B 150 -5.25 -3.69 -2.22
CA LYS B 150 -6.53 -3.29 -1.64
C LYS B 150 -6.29 -2.64 -0.27
N VAL B 151 -5.46 -3.28 0.56
CA VAL B 151 -5.07 -2.73 1.86
C VAL B 151 -4.40 -1.37 1.67
N ALA B 152 -3.46 -1.29 0.72
CA ALA B 152 -2.69 -0.10 0.43
C ALA B 152 -3.61 1.06 0.03
N GLY B 153 -4.70 0.74 -0.66
CA GLY B 153 -5.66 1.75 -1.07
C GLY B 153 -6.43 2.32 0.12
N GLU B 154 -6.78 1.45 1.07
CA GLU B 154 -7.45 1.85 2.30
C GLU B 154 -6.58 2.89 3.01
N ILE B 155 -5.30 2.53 3.17
CA ILE B 155 -4.34 3.32 3.93
C ILE B 155 -4.13 4.69 3.29
N TYR B 156 -3.95 4.72 1.95
CA TYR B 156 -3.80 6.00 1.26
C TYR B 156 -5.03 6.88 1.48
N LEU B 157 -6.24 6.30 1.39
CA LEU B 157 -7.46 7.09 1.57
C LEU B 157 -7.55 7.61 3.00
N ASN B 158 -7.14 6.78 3.97
CA ASN B 158 -7.08 7.20 5.36
C ASN B 158 -6.12 8.39 5.50
N THR B 159 -5.00 8.34 4.76
CA THR B 159 -4.00 9.40 4.78
C THR B 159 -4.59 10.70 4.27
N PHE B 160 -5.35 10.63 3.17
CA PHE B 160 -5.97 11.81 2.57
C PHE B 160 -7.03 12.40 3.52
N ARG B 161 -7.63 11.53 4.33
CA ARG B 161 -8.61 11.96 5.32
C ARG B 161 -7.93 12.82 6.39
N HIS B 162 -6.76 12.37 6.86
CA HIS B 162 -5.95 13.09 7.82
C HIS B 162 -5.49 14.44 7.27
N LEU B 163 -5.01 14.43 6.02
CA LEU B 163 -4.37 15.58 5.40
C LEU B 163 -5.40 16.66 5.07
N TYR B 164 -6.52 16.28 4.46
CA TYR B 164 -7.40 17.26 3.83
C TYR B 164 -8.82 17.16 4.37
N GLY B 165 -9.11 16.15 5.20
CA GLY B 165 -10.48 15.95 5.66
C GLY B 165 -11.39 15.44 4.54
N LEU B 166 -10.79 14.89 3.48
CA LEU B 166 -11.48 14.12 2.47
C LEU B 166 -11.97 12.84 3.12
N ASP B 167 -13.29 12.73 3.30
CA ASP B 167 -13.85 11.62 4.06
C ASP B 167 -13.77 10.36 3.21
N CYS B 168 -13.66 9.21 3.89
CA CYS B 168 -13.64 7.93 3.20
C CYS B 168 -14.25 6.86 4.11
N SER B 169 -14.80 5.82 3.46
CA SER B 169 -15.13 4.56 4.11
C SER B 169 -14.73 3.46 3.13
N HIS B 170 -14.38 2.29 3.65
CA HIS B 170 -13.96 1.18 2.80
C HIS B 170 -15.00 0.06 2.87
N ILE B 171 -15.73 -0.16 1.77
CA ILE B 171 -16.59 -1.32 1.66
C ILE B 171 -15.71 -2.53 1.30
N ALA B 172 -15.74 -3.55 2.16
CA ALA B 172 -14.88 -4.72 2.04
C ALA B 172 -15.73 -5.96 1.85
N PRO B 173 -16.18 -6.24 0.60
CA PRO B 173 -17.04 -7.39 0.33
C PRO B 173 -16.31 -8.72 0.42
N ALA B 174 -17.10 -9.79 0.63
CA ALA B 174 -16.66 -11.16 0.56
C ALA B 174 -16.65 -11.60 -0.90
N ASN B 175 -17.29 -12.73 -1.22
CA ASN B 175 -17.38 -13.17 -2.60
C ASN B 175 -18.75 -12.78 -3.16
N VAL B 176 -18.75 -11.82 -4.11
CA VAL B 176 -19.98 -11.25 -4.61
C VAL B 176 -20.39 -11.97 -5.90
N TYR B 177 -21.69 -12.22 -6.04
CA TYR B 177 -22.21 -12.93 -7.20
C TYR B 177 -23.55 -12.30 -7.59
N GLY B 178 -24.04 -12.66 -8.78
CA GLY B 178 -25.34 -12.15 -9.23
C GLY B 178 -25.35 -11.82 -10.72
N PRO B 179 -26.49 -11.29 -11.22
CA PRO B 179 -26.59 -10.85 -12.61
C PRO B 179 -25.54 -9.83 -13.02
N ARG B 180 -24.97 -10.04 -14.22
CA ARG B 180 -24.01 -9.16 -14.91
C ARG B 180 -22.56 -9.57 -14.65
N GLN B 181 -22.34 -10.49 -13.70
CA GLN B 181 -21.00 -11.02 -13.50
C GLN B 181 -20.55 -11.72 -14.79
N ASP B 182 -19.39 -11.31 -15.32
CA ASP B 182 -18.86 -11.82 -16.58
C ASP B 182 -18.78 -13.34 -16.56
N PRO B 183 -19.56 -14.05 -17.41
CA PRO B 183 -19.52 -15.51 -17.44
C PRO B 183 -18.20 -16.08 -18.00
N HIS B 184 -17.48 -15.26 -18.76
CA HIS B 184 -16.22 -15.67 -19.38
C HIS B 184 -15.03 -15.06 -18.66
N GLY B 185 -15.25 -14.60 -17.42
CA GLY B 185 -14.20 -14.04 -16.59
C GLY B 185 -13.28 -15.11 -16.01
N GLU B 186 -12.11 -14.66 -15.53
CA GLU B 186 -11.15 -15.52 -14.85
C GLU B 186 -11.59 -15.70 -13.40
N ALA B 187 -12.20 -14.66 -12.83
CA ALA B 187 -12.73 -14.69 -11.48
C ALA B 187 -14.26 -14.74 -11.53
N GLY B 188 -14.89 -15.29 -10.48
CA GLY B 188 -16.34 -15.29 -10.36
C GLY B 188 -16.92 -16.68 -10.57
N VAL B 189 -16.76 -17.51 -9.55
CA VAL B 189 -17.06 -18.94 -9.61
CA VAL B 189 -17.06 -18.94 -9.61
C VAL B 189 -18.53 -19.19 -9.94
N VAL B 190 -19.43 -18.37 -9.37
CA VAL B 190 -20.86 -18.62 -9.59
C VAL B 190 -21.18 -18.47 -11.08
N ALA B 191 -20.62 -17.42 -11.70
CA ALA B 191 -20.86 -17.13 -13.11
C ALA B 191 -20.20 -18.21 -13.98
N ILE B 192 -18.97 -18.59 -13.60
CA ILE B 192 -18.21 -19.62 -14.30
C ILE B 192 -19.03 -20.91 -14.34
N PHE B 193 -19.57 -21.31 -13.18
CA PHE B 193 -20.31 -22.55 -13.05
C PHE B 193 -21.61 -22.49 -13.84
N ALA B 194 -22.39 -21.43 -13.68
CA ALA B 194 -23.67 -21.27 -14.40
C ALA B 194 -23.46 -21.36 -15.92
N GLN B 195 -22.44 -20.72 -16.44
CA GLN B 195 -22.25 -20.69 -17.91
C GLN B 195 -21.86 -22.09 -18.40
N ALA B 196 -20.96 -22.75 -17.68
CA ALA B 196 -20.47 -24.09 -18.09
C ALA B 196 -21.58 -25.13 -17.93
N LEU B 197 -22.34 -25.05 -16.85
CA LEU B 197 -23.35 -26.05 -16.59
C LEU B 197 -24.56 -25.84 -17.50
N LEU B 198 -24.80 -24.60 -17.91
CA LEU B 198 -25.95 -24.30 -18.76
C LEU B 198 -25.67 -24.66 -20.21
N SER B 199 -24.40 -24.91 -20.55
CA SER B 199 -24.04 -25.26 -21.91
C SER B 199 -23.23 -26.55 -21.95
N GLY B 200 -23.39 -27.37 -20.91
CA GLY B 200 -22.79 -28.69 -20.79
C GLY B 200 -21.29 -28.72 -21.10
N LYS B 201 -20.55 -27.72 -20.61
CA LYS B 201 -19.10 -27.70 -20.73
C LYS B 201 -18.48 -28.20 -19.43
N PRO B 202 -17.21 -28.66 -19.44
CA PRO B 202 -16.56 -29.11 -18.21
C PRO B 202 -16.50 -28.03 -17.12
N THR B 203 -16.40 -28.48 -15.86
CA THR B 203 -16.21 -27.61 -14.71
C THR B 203 -15.15 -28.21 -13.80
N ARG B 204 -14.53 -27.35 -12.98
CA ARG B 204 -13.48 -27.80 -12.07
C ARG B 204 -13.62 -27.06 -10.74
N VAL B 205 -13.14 -27.73 -9.67
CA VAL B 205 -12.84 -27.11 -8.40
C VAL B 205 -11.33 -27.19 -8.21
N PHE B 206 -10.81 -26.51 -7.18
CA PHE B 206 -9.37 -26.53 -6.96
C PHE B 206 -9.05 -27.31 -5.68
N GLY B 207 -7.89 -27.96 -5.66
CA GLY B 207 -7.48 -28.79 -4.55
C GLY B 207 -8.45 -29.95 -4.34
N ASP B 208 -8.95 -30.10 -3.11
CA ASP B 208 -9.86 -31.18 -2.76
C ASP B 208 -11.30 -30.66 -2.71
N GLY B 209 -11.48 -29.38 -3.05
CA GLY B 209 -12.79 -28.75 -3.16
C GLY B 209 -13.34 -28.26 -1.83
N THR B 210 -12.48 -28.17 -0.81
CA THR B 210 -12.90 -27.82 0.56
C THR B 210 -12.67 -26.34 0.88
N ASN B 211 -12.01 -25.60 -0.03
CA ASN B 211 -11.91 -24.15 0.10
C ASN B 211 -13.30 -23.57 0.38
N THR B 212 -13.37 -22.60 1.31
CA THR B 212 -14.65 -21.96 1.58
C THR B 212 -14.58 -20.46 1.27
N ARG B 213 -15.73 -19.91 0.91
CA ARG B 213 -15.92 -18.49 0.65
C ARG B 213 -17.25 -18.08 1.27
N ASP B 214 -17.49 -16.77 1.38
CA ASP B 214 -18.71 -16.21 1.92
C ASP B 214 -19.44 -15.51 0.78
N TYR B 215 -20.45 -16.17 0.21
CA TYR B 215 -21.11 -15.69 -1.00
C TYR B 215 -22.24 -14.72 -0.66
N VAL B 216 -22.12 -13.48 -1.19
CA VAL B 216 -23.05 -12.41 -0.92
C VAL B 216 -23.61 -11.88 -2.24
N PHE B 217 -24.91 -11.60 -2.28
CA PHE B 217 -25.58 -11.22 -3.52
C PHE B 217 -25.36 -9.74 -3.81
N VAL B 218 -25.19 -9.43 -5.11
CA VAL B 218 -24.78 -8.09 -5.56
C VAL B 218 -25.71 -6.99 -5.03
N ASP B 219 -27.02 -7.24 -5.00
CA ASP B 219 -27.98 -6.23 -4.56
C ASP B 219 -27.72 -5.83 -3.11
N ASP B 220 -27.32 -6.80 -2.28
CA ASP B 220 -27.01 -6.55 -0.88
C ASP B 220 -25.75 -5.70 -0.76
N VAL B 221 -24.75 -5.98 -1.59
CA VAL B 221 -23.50 -5.25 -1.58
C VAL B 221 -23.74 -3.79 -1.98
N VAL B 222 -24.59 -3.60 -3.00
CA VAL B 222 -24.88 -2.29 -3.55
C VAL B 222 -25.57 -1.43 -2.48
N ASP B 223 -26.46 -2.05 -1.70
CA ASP B 223 -27.17 -1.35 -0.63
C ASP B 223 -26.17 -0.82 0.39
N ALA B 224 -25.13 -1.61 0.71
CA ALA B 224 -24.15 -1.18 1.69
C ALA B 224 -23.41 0.07 1.19
N PHE B 225 -23.07 0.08 -0.11
CA PHE B 225 -22.42 1.22 -0.73
C PHE B 225 -23.27 2.47 -0.49
N VAL B 226 -24.58 2.34 -0.71
CA VAL B 226 -25.50 3.45 -0.58
C VAL B 226 -25.51 3.96 0.86
N ARG B 227 -25.61 3.04 1.83
CA ARG B 227 -25.72 3.42 3.22
C ARG B 227 -24.46 4.12 3.71
N VAL B 228 -23.29 3.67 3.24
CA VAL B 228 -22.03 4.19 3.75
C VAL B 228 -21.65 5.50 3.05
N SER B 229 -22.40 5.87 2.01
CA SER B 229 -22.10 7.09 1.26
C SER B 229 -22.42 8.35 2.08
N ALA B 230 -23.29 8.22 3.09
CA ALA B 230 -23.66 9.32 3.96
C ALA B 230 -22.51 9.66 4.92
N ASP B 231 -22.72 10.68 5.75
CA ASP B 231 -21.72 11.13 6.71
C ASP B 231 -21.73 10.21 7.93
N VAL B 232 -21.29 8.95 7.71
CA VAL B 232 -21.28 7.92 8.73
CA VAL B 232 -21.29 7.91 8.72
C VAL B 232 -20.14 6.95 8.44
N GLY B 233 -19.53 6.43 9.52
CA GLY B 233 -18.48 5.42 9.44
C GLY B 233 -17.22 5.95 8.77
N GLY B 234 -16.93 7.24 8.96
CA GLY B 234 -15.75 7.89 8.42
C GLY B 234 -14.47 7.22 8.93
N GLY B 235 -13.58 6.89 7.98
CA GLY B 235 -12.30 6.27 8.31
C GLY B 235 -12.38 4.75 8.50
N LEU B 236 -13.60 4.18 8.44
CA LEU B 236 -13.78 2.79 8.86
C LEU B 236 -13.94 1.86 7.66
N ARG B 237 -13.48 0.61 7.84
CA ARG B 237 -13.77 -0.47 6.92
C ARG B 237 -15.04 -1.18 7.39
N PHE B 238 -15.84 -1.66 6.42
CA PHE B 238 -17.03 -2.45 6.70
C PHE B 238 -16.98 -3.73 5.87
N ASN B 239 -16.90 -4.86 6.58
CA ASN B 239 -17.07 -6.18 5.99
C ASN B 239 -18.51 -6.31 5.49
N ILE B 240 -18.66 -6.71 4.23
CA ILE B 240 -19.97 -6.91 3.61
C ILE B 240 -20.03 -8.34 3.06
N GLY B 241 -20.72 -9.21 3.78
CA GLY B 241 -20.88 -10.61 3.41
C GLY B 241 -22.09 -11.21 4.12
N THR B 242 -22.11 -12.53 4.31
CA THR B 242 -23.23 -13.20 4.96
C THR B 242 -22.80 -13.84 6.28
N GLY B 243 -21.48 -13.98 6.47
CA GLY B 243 -20.97 -14.67 7.66
C GLY B 243 -21.21 -16.16 7.63
N LYS B 244 -21.53 -16.72 6.45
CA LYS B 244 -21.68 -18.16 6.25
C LYS B 244 -20.68 -18.65 5.22
N GLU B 245 -20.03 -19.78 5.51
CA GLU B 245 -19.07 -20.40 4.61
C GLU B 245 -19.75 -21.43 3.69
N THR B 246 -19.38 -21.42 2.41
CA THR B 246 -19.72 -22.46 1.45
C THR B 246 -18.43 -22.96 0.80
N SER B 247 -18.25 -24.28 0.76
CA SER B 247 -17.07 -24.86 0.11
C SER B 247 -17.25 -24.81 -1.41
N ASP B 248 -16.14 -24.85 -2.14
CA ASP B 248 -16.16 -24.90 -3.59
C ASP B 248 -17.08 -26.03 -4.03
N ARG B 249 -16.95 -27.18 -3.38
CA ARG B 249 -17.68 -28.37 -3.77
C ARG B 249 -19.18 -28.16 -3.56
N GLN B 250 -19.55 -27.53 -2.44
CA GLN B 250 -20.95 -27.29 -2.11
C GLN B 250 -21.57 -26.29 -3.08
N LEU B 251 -20.80 -25.27 -3.46
CA LEU B 251 -21.30 -24.27 -4.40
C LEU B 251 -21.62 -24.96 -5.72
N HIS B 252 -20.70 -25.80 -6.19
CA HIS B 252 -20.89 -26.54 -7.43
C HIS B 252 -22.22 -27.28 -7.38
N SER B 253 -22.45 -28.01 -6.28
CA SER B 253 -23.68 -28.76 -6.07
C SER B 253 -24.90 -27.85 -6.16
N ALA B 254 -24.78 -26.63 -5.60
CA ALA B 254 -25.92 -25.72 -5.50
C ALA B 254 -26.27 -25.15 -6.88
N VAL B 255 -25.24 -24.89 -7.69
CA VAL B 255 -25.44 -24.36 -9.03
C VAL B 255 -25.97 -25.47 -9.93
N ALA B 256 -25.38 -26.67 -9.81
CA ALA B 256 -25.83 -27.85 -10.53
C ALA B 256 -27.31 -28.08 -10.28
N ALA B 257 -27.74 -27.97 -9.01
CA ALA B 257 -29.13 -28.13 -8.65
C ALA B 257 -30.02 -27.11 -9.37
N ALA B 258 -29.59 -25.84 -9.36
CA ALA B 258 -30.38 -24.76 -9.92
C ALA B 258 -30.47 -24.89 -11.45
N VAL B 259 -29.40 -25.38 -12.08
CA VAL B 259 -29.33 -25.52 -13.52
C VAL B 259 -30.10 -26.78 -13.94
N GLY B 260 -29.97 -27.85 -13.15
CA GLY B 260 -30.38 -29.18 -13.56
C GLY B 260 -29.18 -29.98 -14.07
N GLY B 261 -29.36 -31.30 -14.22
CA GLY B 261 -28.31 -32.14 -14.76
C GLY B 261 -27.15 -32.33 -13.79
N PRO B 262 -25.93 -32.66 -14.30
CA PRO B 262 -24.93 -33.39 -13.51
C PRO B 262 -24.09 -32.56 -12.54
N ASP B 263 -23.67 -33.21 -11.45
CA ASP B 263 -22.87 -32.58 -10.40
C ASP B 263 -21.54 -33.33 -10.28
N ASP B 264 -20.68 -33.16 -11.29
CA ASP B 264 -19.49 -34.00 -11.40
C ASP B 264 -18.31 -33.13 -11.87
N PRO B 265 -17.70 -32.31 -10.99
CA PRO B 265 -16.57 -31.46 -11.38
C PRO B 265 -15.25 -32.22 -11.43
N GLU B 266 -14.30 -31.70 -12.23
CA GLU B 266 -12.93 -32.16 -12.20
C GLU B 266 -12.21 -31.51 -11.01
N PHE B 267 -11.09 -32.11 -10.59
CA PHE B 267 -10.30 -31.59 -9.49
C PHE B 267 -8.92 -31.20 -10.00
N HIS B 268 -8.64 -29.89 -9.99
CA HIS B 268 -7.41 -29.32 -10.50
C HIS B 268 -6.53 -28.88 -9.33
N PRO B 269 -5.20 -28.70 -9.55
CA PRO B 269 -4.29 -28.34 -8.45
C PRO B 269 -4.57 -26.94 -7.90
N PRO B 270 -4.24 -26.66 -6.60
CA PRO B 270 -4.47 -25.35 -6.00
C PRO B 270 -3.77 -24.25 -6.78
N ARG B 271 -4.36 -23.05 -6.77
CA ARG B 271 -3.81 -21.90 -7.46
C ARG B 271 -3.02 -21.03 -6.48
N LEU B 272 -1.79 -20.69 -6.87
CA LEU B 272 -0.92 -19.81 -6.13
C LEU B 272 -1.61 -18.47 -5.88
N GLY B 273 -1.67 -18.07 -4.60
CA GLY B 273 -2.22 -16.79 -4.17
C GLY B 273 -3.64 -16.90 -3.61
N ASP B 274 -4.27 -18.06 -3.79
CA ASP B 274 -5.64 -18.29 -3.34
C ASP B 274 -5.67 -18.70 -1.87
N LEU B 275 -6.50 -18.03 -1.07
CA LEU B 275 -6.72 -18.42 0.31
C LEU B 275 -7.63 -19.65 0.36
N LYS B 276 -7.49 -20.44 1.43
CA LYS B 276 -8.26 -21.67 1.55
C LYS B 276 -9.62 -21.38 2.20
N ARG B 277 -9.73 -20.28 2.94
CA ARG B 277 -10.91 -20.06 3.77
C ARG B 277 -11.18 -18.57 3.92
N SER B 278 -12.48 -18.21 3.88
CA SER B 278 -12.95 -16.83 3.99
C SER B 278 -14.39 -16.76 4.51
N CYS B 279 -14.59 -15.95 5.55
CA CYS B 279 -15.91 -15.73 6.13
C CYS B 279 -15.87 -14.45 6.96
N LEU B 280 -16.81 -13.53 6.68
CA LEU B 280 -16.76 -12.19 7.27
C LEU B 280 -17.76 -12.05 8.41
N ASP B 281 -17.31 -11.41 9.49
CA ASP B 281 -18.19 -10.93 10.55
C ASP B 281 -18.79 -9.60 10.09
N ILE B 282 -20.13 -9.55 10.04
CA ILE B 282 -20.87 -8.44 9.43
C ILE B 282 -21.58 -7.60 10.50
N GLY B 283 -21.19 -7.77 11.77
CA GLY B 283 -21.82 -7.11 12.89
C GLY B 283 -21.63 -5.58 12.87
N LEU B 284 -20.44 -5.12 12.50
CA LEU B 284 -20.18 -3.68 12.44
C LEU B 284 -21.13 -3.00 11.47
N ALA B 285 -21.32 -3.60 10.28
CA ALA B 285 -22.19 -3.01 9.28
C ALA B 285 -23.61 -2.92 9.81
N GLU B 286 -24.06 -3.94 10.56
CA GLU B 286 -25.41 -3.96 11.13
C GLU B 286 -25.57 -2.83 12.16
N ARG B 287 -24.59 -2.70 13.06
CA ARG B 287 -24.67 -1.77 14.18
C ARG B 287 -24.57 -0.33 13.71
N VAL B 288 -23.75 -0.07 12.67
CA VAL B 288 -23.40 1.29 12.31
C VAL B 288 -24.24 1.79 11.14
N LEU B 289 -24.51 0.92 10.16
CA LEU B 289 -25.17 1.33 8.93
C LEU B 289 -26.61 0.81 8.88
N GLY B 290 -26.93 -0.13 9.78
CA GLY B 290 -28.24 -0.79 9.76
C GLY B 290 -28.35 -1.78 8.61
N TRP B 291 -27.21 -2.16 8.02
CA TRP B 291 -27.17 -3.04 6.88
C TRP B 291 -27.16 -4.51 7.32
N ARG B 292 -28.02 -5.31 6.67
CA ARG B 292 -28.03 -6.76 6.76
C ARG B 292 -28.25 -7.31 5.36
N PRO B 293 -27.66 -8.47 5.01
CA PRO B 293 -27.90 -9.09 3.70
C PRO B 293 -29.28 -9.76 3.68
N GLN B 294 -29.98 -9.66 2.55
CA GLN B 294 -31.35 -10.12 2.45
C GLN B 294 -31.42 -11.48 1.75
N ILE B 295 -30.40 -11.78 0.93
CA ILE B 295 -30.48 -12.87 -0.02
C ILE B 295 -29.61 -14.04 0.43
N GLU B 296 -30.25 -15.20 0.61
CA GLU B 296 -29.56 -16.43 0.96
C GLU B 296 -29.07 -17.08 -0.31
N LEU B 297 -27.97 -17.84 -0.20
CA LEU B 297 -27.28 -18.39 -1.35
C LEU B 297 -28.25 -19.08 -2.32
N ALA B 298 -29.14 -19.94 -1.77
CA ALA B 298 -30.07 -20.70 -2.59
C ALA B 298 -30.93 -19.80 -3.47
N ASP B 299 -31.57 -18.80 -2.86
CA ASP B 299 -32.40 -17.82 -3.57
CA ASP B 299 -32.41 -17.85 -3.59
C ASP B 299 -31.55 -17.08 -4.60
N GLY B 300 -30.36 -16.62 -4.16
CA GLY B 300 -29.46 -15.85 -5.00
C GLY B 300 -28.94 -16.62 -6.21
N VAL B 301 -28.64 -17.92 -6.03
CA VAL B 301 -28.15 -18.76 -7.11
C VAL B 301 -29.24 -18.94 -8.16
N ARG B 302 -30.49 -19.10 -7.70
CA ARG B 302 -31.63 -19.29 -8.57
C ARG B 302 -31.84 -18.04 -9.41
N ARG B 303 -31.80 -16.88 -8.75
CA ARG B 303 -31.90 -15.59 -9.43
C ARG B 303 -30.82 -15.47 -10.49
N THR B 304 -29.59 -15.87 -10.16
CA THR B 304 -28.45 -15.72 -11.05
C THR B 304 -28.62 -16.63 -12.26
N VAL B 305 -28.98 -17.90 -12.01
CA VAL B 305 -29.14 -18.88 -13.07
C VAL B 305 -30.27 -18.43 -14.01
N GLU B 306 -31.29 -17.77 -13.45
CA GLU B 306 -32.40 -17.26 -14.25
C GLU B 306 -31.87 -16.24 -15.25
N TYR B 307 -31.04 -15.32 -14.75
CA TYR B 307 -30.45 -14.28 -15.57
C TYR B 307 -29.69 -14.90 -16.74
N PHE B 308 -28.95 -15.99 -16.45
CA PHE B 308 -28.11 -16.63 -17.44
C PHE B 308 -28.95 -17.34 -18.51
N ARG B 309 -30.16 -17.76 -18.13
CA ARG B 309 -31.10 -18.37 -19.07
C ARG B 309 -31.60 -17.34 -20.06
N HIS B 310 -32.13 -16.20 -19.55
CA HIS B 310 -32.68 -15.15 -20.38
C HIS B 310 -31.64 -14.62 -21.36
N LYS B 311 -30.36 -14.93 -21.10
CA LYS B 311 -29.26 -14.52 -21.96
C LYS B 311 -28.78 -15.69 -22.82
N HIS B 312 -29.73 -16.55 -23.22
CA HIS B 312 -29.54 -17.68 -24.12
C HIS B 312 -28.13 -18.28 -23.99
#